data_8Z50
#
_entry.id   8Z50
#
_cell.length_a   96.940
_cell.length_b   103.873
_cell.length_c   85.315
_cell.angle_alpha   90.00
_cell.angle_beta   90.00
_cell.angle_gamma   90.00
#
_symmetry.space_group_name_H-M   'C 2 2 21'
#
loop_
_entity.id
_entity.type
_entity.pdbx_description
1 polymer 'Histone chaperone ASF1A'
2 polymer 'Histone H3.1t'
3 polymer 'Histone H4'
#
loop_
_entity_poly.entity_id
_entity_poly.type
_entity_poly.pdbx_seq_one_letter_code
_entity_poly.pdbx_strand_id
1 'polypeptide(L)'
;MAKVQVNNVVVLDNPSPFYNPFQFEITFECIEDLSEDLEWKIIYVGSAESEEYDQVLDSVLVGPVPAGRHMFVFQADAPN
PGLIPDADAVGVTVVLITCTYRGQEFIRVGYYVNNEYTETELRENPPVKPDFSKLQRNILASNPRVTRFHINWEDNTEKL
EDAESSNPNLQSLEHHHHHH
;
A
2 'polypeptide(L)'
;MARTKQTARKSTGGKAPRKQLATKVARKSAPATGGVKKPHRYRPGTVALREIRRYQKSTELLIRKLPFQRLMREIAQDFK
TDLRFQSSAVMALQEACESYLVGLFEDTNLCVIHAKRVTIMPKDIQLARRIRGERA
;
B
3 'polypeptide(L)'
;MSGRGKGGKGLGKGGAKRHRKVLRDNIQGITKPAIRRLARRGGVKRISGLIYEETRGVLKVFLENVIRDAVTYTEHAKRK
TVTAMDVVYALKRQGRTLYGFGG
;
C
#
# COMPACT_ATOMS: atom_id res chain seq x y z
N MET A 1 -5.23 21.27 9.78
CA MET A 1 -4.09 20.82 10.58
C MET A 1 -2.88 20.47 9.70
N ALA A 2 -3.14 19.97 8.49
CA ALA A 2 -2.07 19.62 7.55
C ALA A 2 -1.77 20.79 6.63
N LYS A 3 -0.50 21.20 6.57
CA LYS A 3 -0.12 22.39 5.84
C LYS A 3 -0.12 22.22 4.33
N VAL A 4 -0.04 20.99 3.82
CA VAL A 4 -0.04 20.74 2.39
C VAL A 4 -1.14 19.75 2.05
N GLN A 5 -1.95 20.08 1.05
CA GLN A 5 -3.05 19.25 0.59
C GLN A 5 -2.83 18.97 -0.89
N VAL A 6 -2.74 17.69 -1.25
CA VAL A 6 -2.54 17.29 -2.64
C VAL A 6 -3.89 17.14 -3.30
N ASN A 7 -4.14 17.96 -4.33
CA ASN A 7 -5.46 18.04 -4.94
C ASN A 7 -5.66 17.03 -6.05
N ASN A 8 -4.66 16.83 -6.91
CA ASN A 8 -4.87 15.94 -8.05
C ASN A 8 -3.53 15.48 -8.58
N VAL A 9 -3.54 14.31 -9.21
CA VAL A 9 -2.41 13.78 -9.97
C VAL A 9 -2.96 13.22 -11.28
N VAL A 10 -2.31 13.57 -12.38
CA VAL A 10 -2.70 13.12 -13.70
C VAL A 10 -1.52 12.38 -14.32
N VAL A 11 -1.76 11.18 -14.83
CA VAL A 11 -0.69 10.40 -15.46
C VAL A 11 -0.64 10.77 -16.95
N LEU A 12 0.47 11.36 -17.38
CA LEU A 12 0.63 11.84 -18.75
C LEU A 12 1.45 10.83 -19.56
N ASP A 13 1.27 10.91 -20.88
CA ASP A 13 1.99 10.05 -21.83
C ASP A 13 1.91 8.59 -21.42
N ASN A 14 0.68 8.11 -21.19
CA ASN A 14 0.43 6.76 -20.75
C ASN A 14 -0.72 6.21 -21.59
N PRO A 15 -0.59 4.99 -22.16
CA PRO A 15 0.53 4.03 -22.10
C PRO A 15 1.72 4.49 -22.94
N SER A 16 2.86 3.84 -22.77
CA SER A 16 4.10 4.30 -23.38
C SER A 16 5.10 3.14 -23.37
N PRO A 17 6.16 3.23 -24.15
CA PRO A 17 7.23 2.23 -24.03
C PRO A 17 7.84 2.27 -22.64
N PHE A 18 8.48 1.16 -22.26
CA PHE A 18 9.08 1.07 -20.93
C PHE A 18 10.12 2.16 -20.72
N TYR A 19 10.95 2.42 -21.74
CA TYR A 19 12.05 3.37 -21.60
C TYR A 19 11.60 4.82 -21.56
N ASN A 20 10.32 5.08 -21.79
CA ASN A 20 9.81 6.45 -21.72
C ASN A 20 9.85 6.97 -20.28
N PRO A 21 10.14 8.24 -20.08
CA PRO A 21 10.08 8.80 -18.73
C PRO A 21 8.66 8.82 -18.18
N PHE A 22 8.55 8.64 -16.87
CA PHE A 22 7.31 8.92 -16.16
C PHE A 22 7.01 10.41 -16.19
N GLN A 23 5.73 10.73 -16.35
CA GLN A 23 5.26 12.11 -16.32
C GLN A 23 3.96 12.17 -15.51
N PHE A 24 3.98 12.92 -14.41
CA PHE A 24 2.78 13.15 -13.60
C PHE A 24 2.54 14.65 -13.47
N GLU A 25 1.30 15.07 -13.64
CA GLU A 25 0.91 16.45 -13.36
C GLU A 25 0.33 16.49 -11.96
N ILE A 26 1.04 17.13 -11.05
CA ILE A 26 0.68 17.20 -9.63
C ILE A 26 0.15 18.59 -9.34
N THR A 27 -1.04 18.64 -8.73
CA THR A 27 -1.64 19.87 -8.23
C THR A 27 -1.81 19.71 -6.72
N PHE A 28 -1.18 20.61 -5.97
CA PHE A 28 -1.29 20.62 -4.51
C PHE A 28 -1.52 22.04 -4.02
N GLU A 29 -1.75 22.16 -2.72
CA GLU A 29 -2.09 23.43 -2.11
C GLU A 29 -1.36 23.58 -0.79
N CYS A 30 -0.87 24.79 -0.53
CA CYS A 30 -0.26 25.15 0.74
C CYS A 30 -1.16 26.16 1.44
N ILE A 31 -1.65 25.80 2.62
CA ILE A 31 -2.50 26.72 3.37
C ILE A 31 -1.68 27.88 3.92
N GLU A 32 -0.40 27.64 4.20
CA GLU A 32 0.49 28.63 4.82
C GLU A 32 1.80 28.66 4.05
N ASP A 33 2.56 29.73 4.25
CA ASP A 33 3.90 29.79 3.69
C ASP A 33 4.78 28.75 4.38
N LEU A 34 5.39 27.87 3.60
CA LEU A 34 6.16 26.77 4.15
C LEU A 34 7.57 27.23 4.47
N SER A 35 7.98 27.04 5.72
CA SER A 35 9.34 27.37 6.14
C SER A 35 10.30 26.19 6.01
N GLU A 36 9.78 24.97 5.86
CA GLU A 36 10.61 23.78 5.69
C GLU A 36 10.53 23.28 4.26
N ASP A 37 11.40 22.32 3.96
CA ASP A 37 11.48 21.77 2.61
C ASP A 37 10.28 20.87 2.30
N LEU A 38 9.83 20.91 1.06
CA LEU A 38 8.91 19.95 0.49
C LEU A 38 9.68 19.13 -0.52
N GLU A 39 9.63 17.80 -0.40
CA GLU A 39 10.40 16.93 -1.28
C GLU A 39 9.48 15.88 -1.92
N TRP A 40 9.42 15.89 -3.25
CA TRP A 40 8.67 14.91 -4.01
C TRP A 40 9.62 13.85 -4.56
N LYS A 41 9.16 12.60 -4.52
CA LYS A 41 9.93 11.47 -5.02
C LYS A 41 9.04 10.61 -5.90
N ILE A 42 9.65 9.99 -6.90
CA ILE A 42 9.02 8.90 -7.64
C ILE A 42 9.84 7.65 -7.39
N ILE A 43 9.18 6.61 -6.90
CA ILE A 43 9.83 5.36 -6.55
C ILE A 43 9.20 4.24 -7.36
N TYR A 44 10.04 3.45 -8.00
CA TYR A 44 9.59 2.32 -8.79
C TYR A 44 9.85 1.07 -7.98
N VAL A 45 8.82 0.26 -7.79
CA VAL A 45 8.93 -1.01 -7.08
C VAL A 45 9.42 -2.06 -8.06
N GLY A 46 10.74 -2.22 -8.14
CA GLY A 46 11.28 -3.21 -9.05
C GLY A 46 10.82 -4.62 -8.72
N SER A 47 10.72 -4.94 -7.44
CA SER A 47 10.31 -6.27 -7.01
C SER A 47 9.33 -6.19 -5.85
N ALA A 48 8.17 -6.81 -6.02
CA ALA A 48 7.19 -6.94 -4.94
C ALA A 48 7.72 -7.74 -3.75
N GLU A 49 8.68 -8.64 -3.97
CA GLU A 49 9.18 -9.47 -2.88
C GLU A 49 9.91 -8.64 -1.83
N SER A 50 10.71 -7.68 -2.27
CA SER A 50 11.63 -7.00 -1.37
C SER A 50 11.73 -5.53 -1.70
N GLU A 51 11.77 -4.71 -0.64
CA GLU A 51 11.94 -3.27 -0.78
C GLU A 51 13.31 -2.88 -1.31
N GLU A 52 14.30 -3.77 -1.23
CA GLU A 52 15.67 -3.42 -1.59
C GLU A 52 15.83 -3.15 -3.07
N TYR A 53 14.84 -3.50 -3.90
CA TYR A 53 14.91 -3.26 -5.33
C TYR A 53 14.13 -2.03 -5.76
N ASP A 54 13.75 -1.19 -4.81
CA ASP A 54 13.17 0.11 -5.14
C ASP A 54 14.19 0.95 -5.88
N GLN A 55 13.70 1.69 -6.87
CA GLN A 55 14.51 2.66 -7.59
C GLN A 55 13.86 4.03 -7.40
N VAL A 56 14.52 4.91 -6.66
CA VAL A 56 14.09 6.30 -6.61
C VAL A 56 14.52 6.94 -7.93
N LEU A 57 13.55 7.21 -8.81
CA LEU A 57 13.85 7.69 -10.16
C LEU A 57 14.25 9.16 -10.16
N ASP A 58 13.59 9.99 -9.35
CA ASP A 58 13.91 11.40 -9.27
C ASP A 58 13.43 11.95 -7.94
N SER A 59 13.99 13.09 -7.56
CA SER A 59 13.62 13.77 -6.32
C SER A 59 13.62 15.26 -6.57
N VAL A 60 12.50 15.93 -6.28
CA VAL A 60 12.39 17.37 -6.44
C VAL A 60 12.28 18.00 -5.06
N LEU A 61 13.28 18.80 -4.71
CA LEU A 61 13.32 19.50 -3.44
C LEU A 61 12.94 20.96 -3.66
N VAL A 62 11.90 21.41 -2.98
CA VAL A 62 11.31 22.73 -3.17
C VAL A 62 11.34 23.46 -1.83
N GLY A 63 11.76 24.73 -1.86
CA GLY A 63 11.73 25.53 -0.66
C GLY A 63 12.39 26.90 -0.81
N PRO A 64 11.83 27.92 -0.15
CA PRO A 64 10.55 27.87 0.56
C PRO A 64 9.38 27.89 -0.42
N VAL A 65 8.26 27.29 -0.04
CA VAL A 65 7.10 27.15 -0.91
C VAL A 65 6.06 28.19 -0.47
N PRO A 66 5.73 29.17 -1.32
CA PRO A 66 4.71 30.15 -0.93
C PRO A 66 3.32 29.52 -0.85
N ALA A 67 2.46 30.17 -0.08
CA ALA A 67 1.10 29.66 0.11
C ALA A 67 0.29 29.80 -1.18
N GLY A 68 -0.61 28.84 -1.41
CA GLY A 68 -1.49 28.88 -2.56
C GLY A 68 -1.52 27.55 -3.27
N ARG A 69 -2.14 27.55 -4.45
CA ARG A 69 -2.25 26.35 -5.28
C ARG A 69 -1.08 26.29 -6.26
N HIS A 70 -0.36 25.18 -6.26
CA HIS A 70 0.76 24.95 -7.16
C HIS A 70 0.49 23.77 -8.05
N MET A 71 0.96 23.86 -9.30
CA MET A 71 0.84 22.79 -10.27
C MET A 71 2.16 22.63 -10.99
N PHE A 72 2.59 21.38 -11.17
CA PHE A 72 3.85 21.14 -11.86
C PHE A 72 3.87 19.73 -12.43
N VAL A 73 4.71 19.55 -13.45
CA VAL A 73 4.87 18.26 -14.11
C VAL A 73 6.15 17.61 -13.57
N PHE A 74 5.96 16.59 -12.74
CA PHE A 74 7.05 15.76 -12.22
C PHE A 74 7.42 14.74 -13.30
N GLN A 75 8.61 14.86 -13.86
CA GLN A 75 9.10 13.93 -14.89
C GLN A 75 10.32 13.21 -14.35
N ALA A 76 10.33 11.88 -14.50
CA ALA A 76 11.43 11.07 -13.98
C ALA A 76 11.82 10.00 -14.97
N ASP A 77 13.12 9.77 -15.11
CA ASP A 77 13.60 8.77 -16.07
C ASP A 77 13.13 7.38 -15.70
N ALA A 78 12.99 6.52 -16.71
CA ALA A 78 12.53 5.17 -16.49
C ALA A 78 13.54 4.39 -15.66
N PRO A 79 13.09 3.42 -14.88
CA PRO A 79 14.02 2.69 -13.99
C PRO A 79 15.07 1.92 -14.77
N ASN A 80 16.12 1.52 -14.04
CA ASN A 80 17.23 0.77 -14.60
C ASN A 80 16.87 -0.71 -14.67
N PRO A 81 16.70 -1.28 -15.87
CA PRO A 81 16.32 -2.70 -15.96
C PRO A 81 17.37 -3.64 -15.42
N GLY A 82 18.65 -3.23 -15.39
CA GLY A 82 19.69 -4.08 -14.84
C GLY A 82 19.55 -4.39 -13.37
N LEU A 83 18.71 -3.66 -12.66
CA LEU A 83 18.43 -3.91 -11.24
C LEU A 83 17.06 -4.55 -11.03
N ILE A 84 16.30 -4.76 -12.09
CA ILE A 84 14.96 -5.37 -11.98
C ILE A 84 15.11 -6.87 -12.14
N PRO A 85 14.63 -7.67 -11.18
CA PRO A 85 14.62 -9.12 -11.38
C PRO A 85 13.75 -9.52 -12.56
N ASP A 86 14.18 -10.57 -13.27
CA ASP A 86 13.47 -11.02 -14.46
C ASP A 86 12.03 -11.40 -14.13
N ALA A 87 11.84 -12.15 -13.05
CA ALA A 87 10.50 -12.63 -12.69
C ALA A 87 9.51 -11.50 -12.46
N ASP A 88 10.00 -10.32 -12.09
CA ASP A 88 9.14 -9.18 -11.78
C ASP A 88 9.03 -8.17 -12.93
N ALA A 89 9.87 -8.30 -13.95
CA ALA A 89 9.91 -7.31 -15.02
C ALA A 89 8.60 -7.27 -15.80
N VAL A 90 8.05 -8.44 -16.15
CA VAL A 90 6.86 -8.55 -16.98
C VAL A 90 5.67 -8.83 -16.08
N GLY A 91 4.61 -8.02 -16.21
CA GLY A 91 3.44 -8.14 -15.38
C GLY A 91 3.20 -6.87 -14.58
N VAL A 92 2.60 -7.04 -13.40
CA VAL A 92 2.13 -5.93 -12.59
C VAL A 92 3.16 -5.62 -11.51
N THR A 93 3.48 -4.35 -11.36
CA THR A 93 4.30 -3.81 -10.28
C THR A 93 3.71 -2.45 -9.88
N VAL A 94 4.44 -1.67 -9.09
CA VAL A 94 3.90 -0.42 -8.55
C VAL A 94 4.88 0.72 -8.79
N VAL A 95 4.34 1.91 -9.08
CA VAL A 95 5.09 3.16 -9.04
C VAL A 95 4.44 4.06 -8.00
N LEU A 96 5.27 4.86 -7.34
CA LEU A 96 4.85 5.67 -6.20
C LEU A 96 5.31 7.10 -6.37
N ILE A 97 4.45 8.04 -6.00
CA ILE A 97 4.80 9.45 -5.85
C ILE A 97 4.67 9.76 -4.37
N THR A 98 5.78 10.07 -3.75
CA THR A 98 5.84 10.35 -2.33
C THR A 98 6.08 11.84 -2.13
N CYS A 99 5.46 12.41 -1.10
CA CYS A 99 5.84 13.74 -0.68
C CYS A 99 6.19 13.77 0.81
N THR A 100 7.25 14.50 1.15
CA THR A 100 7.73 14.62 2.51
C THR A 100 7.90 16.07 2.89
N TYR A 101 7.52 16.39 4.13
CA TYR A 101 7.68 17.71 4.72
C TYR A 101 8.52 17.57 5.99
N ARG A 102 9.62 18.32 6.07
CA ARG A 102 10.58 18.20 7.17
C ARG A 102 11.02 16.75 7.34
N GLY A 103 11.22 16.07 6.20
CA GLY A 103 11.69 14.70 6.22
C GLY A 103 10.66 13.66 6.63
N GLN A 104 9.37 14.03 6.66
CA GLN A 104 8.32 13.11 7.05
C GLN A 104 7.39 12.91 5.86
N GLU A 105 7.22 11.65 5.44
CA GLU A 105 6.33 11.35 4.32
C GLU A 105 4.88 11.47 4.79
N PHE A 106 4.15 12.44 4.23
CA PHE A 106 2.76 12.65 4.60
C PHE A 106 1.77 12.19 3.55
N ILE A 107 2.21 11.86 2.34
CA ILE A 107 1.30 11.36 1.31
C ILE A 107 2.06 10.48 0.34
N ARG A 108 1.43 9.37 -0.02
CA ARG A 108 1.95 8.37 -0.95
C ARG A 108 0.86 8.06 -1.97
N VAL A 109 1.10 8.40 -3.23
CA VAL A 109 0.17 8.15 -4.32
C VAL A 109 0.74 7.01 -5.14
N GLY A 110 0.02 5.89 -5.17
CA GLY A 110 0.50 4.68 -5.82
C GLY A 110 -0.32 4.34 -7.05
N TYR A 111 0.36 3.86 -8.08
CA TYR A 111 -0.29 3.35 -9.27
C TYR A 111 0.24 1.95 -9.55
N TYR A 112 -0.67 1.06 -9.94
CA TYR A 112 -0.26 -0.21 -10.51
C TYR A 112 0.20 0.01 -11.94
N VAL A 113 1.21 -0.74 -12.34
CA VAL A 113 1.85 -0.61 -13.64
C VAL A 113 1.92 -2.01 -14.24
N ASN A 114 1.33 -2.18 -15.42
CA ASN A 114 1.35 -3.46 -16.13
C ASN A 114 2.29 -3.32 -17.32
N ASN A 115 3.44 -3.99 -17.25
CA ASN A 115 4.37 -4.02 -18.37
C ASN A 115 4.09 -5.27 -19.17
N GLU A 116 3.73 -5.09 -20.44
CA GLU A 116 3.34 -6.19 -21.31
C GLU A 116 4.07 -6.08 -22.64
N TYR A 117 4.32 -7.21 -23.26
CA TYR A 117 4.76 -7.17 -24.65
C TYR A 117 3.58 -6.87 -25.56
N THR A 118 3.87 -6.21 -26.68
CA THR A 118 2.82 -5.85 -27.63
C THR A 118 2.74 -6.83 -28.79
N GLU A 119 3.87 -7.41 -29.21
CA GLU A 119 3.87 -8.42 -30.26
C GLU A 119 3.30 -9.72 -29.73
N THR A 120 2.31 -10.29 -30.44
CA THR A 120 1.63 -11.46 -29.92
C THR A 120 2.60 -12.64 -29.75
N GLU A 121 3.64 -12.73 -30.58
CA GLU A 121 4.62 -13.79 -30.42
C GLU A 121 5.31 -13.71 -29.07
N LEU A 122 5.78 -12.52 -28.69
CA LEU A 122 6.43 -12.37 -27.40
C LEU A 122 5.45 -12.60 -26.25
N ARG A 123 4.16 -12.43 -26.48
CA ARG A 123 3.19 -12.72 -25.46
C ARG A 123 2.94 -14.22 -25.34
N GLU A 124 3.01 -14.93 -26.47
CA GLU A 124 2.84 -16.39 -26.45
C GLU A 124 4.13 -17.08 -26.03
N ASN A 125 5.27 -16.55 -26.47
CA ASN A 125 6.58 -17.10 -26.15
C ASN A 125 7.44 -15.99 -25.56
N PRO A 126 7.18 -15.59 -24.33
CA PRO A 126 7.98 -14.53 -23.71
C PRO A 126 9.45 -14.90 -23.69
N PRO A 127 10.33 -13.95 -24.00
CA PRO A 127 11.76 -14.23 -23.99
C PRO A 127 12.21 -14.65 -22.60
N VAL A 128 13.21 -15.55 -22.57
CA VAL A 128 13.73 -16.05 -21.30
C VAL A 128 14.19 -14.90 -20.42
N LYS A 129 14.92 -13.95 -21.00
CA LYS A 129 15.23 -12.72 -20.30
C LYS A 129 14.38 -11.59 -20.86
N PRO A 130 13.80 -10.76 -19.98
CA PRO A 130 12.88 -9.71 -20.45
C PRO A 130 13.57 -8.77 -21.45
N ASP A 131 12.87 -8.47 -22.54
CA ASP A 131 13.34 -7.51 -23.54
C ASP A 131 12.61 -6.20 -23.28
N PHE A 132 13.27 -5.31 -22.52
CA PHE A 132 12.61 -4.09 -22.11
C PHE A 132 12.31 -3.17 -23.28
N SER A 133 13.07 -3.27 -24.37
CA SER A 133 12.81 -2.43 -25.53
C SER A 133 11.46 -2.72 -26.17
N LYS A 134 10.88 -3.89 -25.94
CA LYS A 134 9.59 -4.26 -26.51
C LYS A 134 8.49 -4.34 -25.45
N LEU A 135 8.73 -3.81 -24.26
CA LEU A 135 7.72 -3.77 -23.21
C LEU A 135 6.99 -2.44 -23.27
N GLN A 136 5.67 -2.50 -23.31
CA GLN A 136 4.83 -1.32 -23.14
C GLN A 136 4.43 -1.22 -21.68
N ARG A 137 4.53 -0.01 -21.15
CA ARG A 137 4.15 0.31 -19.78
C ARG A 137 2.75 0.88 -19.77
N ASN A 138 1.83 0.21 -19.09
CA ASN A 138 0.48 0.70 -18.90
C ASN A 138 0.34 1.09 -17.44
N ILE A 139 0.36 2.39 -17.16
CA ILE A 139 0.10 2.88 -15.82
C ILE A 139 -1.41 2.88 -15.61
N LEU A 140 -1.88 2.13 -14.62
CA LEU A 140 -3.31 2.00 -14.36
C LEU A 140 -3.81 3.28 -13.70
N ALA A 141 -3.90 4.34 -14.53
CA ALA A 141 -4.19 5.68 -14.04
C ALA A 141 -5.57 5.80 -13.42
N SER A 142 -6.47 4.86 -13.69
CA SER A 142 -7.83 4.98 -13.17
C SER A 142 -7.98 4.50 -11.74
N ASN A 143 -6.97 3.85 -11.16
CA ASN A 143 -7.06 3.31 -9.81
C ASN A 143 -5.86 3.76 -8.98
N PRO A 144 -5.77 5.05 -8.69
CA PRO A 144 -4.72 5.51 -7.79
C PRO A 144 -5.05 5.11 -6.36
N ARG A 145 -4.01 4.83 -5.60
CA ARG A 145 -4.14 4.61 -4.16
C ARG A 145 -3.50 5.78 -3.46
N VAL A 146 -4.32 6.64 -2.86
CA VAL A 146 -3.84 7.84 -2.18
C VAL A 146 -3.86 7.54 -0.69
N THR A 147 -2.68 7.42 -0.08
CA THR A 147 -2.55 7.15 1.35
C THR A 147 -1.96 8.36 2.03
N ARG A 148 -2.64 8.86 3.07
CA ARG A 148 -2.19 10.02 3.82
C ARG A 148 -1.77 9.58 5.22
N PHE A 149 -0.69 10.19 5.73
CA PHE A 149 -0.15 9.86 7.03
C PHE A 149 -0.14 11.10 7.92
N HIS A 150 -0.30 10.88 9.23
CA HIS A 150 -0.23 11.96 10.18
C HIS A 150 1.25 12.27 10.47
N ILE A 151 1.65 13.52 10.24
CA ILE A 151 2.99 13.98 10.54
C ILE A 151 2.88 15.25 11.38
N ASN A 152 4.03 15.71 11.88
CA ASN A 152 4.08 16.91 12.69
C ASN A 152 4.45 18.09 11.80
N TRP A 153 3.52 19.03 11.65
CA TRP A 153 3.73 20.21 10.82
C TRP A 153 4.27 21.37 11.65
N LEU B 61 -19.93 -9.16 10.33
CA LEU B 61 -18.57 -9.60 10.62
C LEU B 61 -18.26 -10.97 10.01
N LEU B 62 -17.22 -11.02 9.18
CA LEU B 62 -16.84 -12.25 8.49
C LEU B 62 -15.80 -13.05 9.25
N ILE B 63 -14.99 -12.39 10.08
CA ILE B 63 -14.03 -13.08 10.92
C ILE B 63 -14.67 -13.34 12.27
N ARG B 64 -14.69 -14.61 12.69
CA ARG B 64 -15.29 -14.99 13.96
C ARG B 64 -14.50 -14.39 15.12
N LYS B 65 -15.22 -14.09 16.20
CA LYS B 65 -14.65 -13.30 17.28
C LYS B 65 -13.61 -14.07 18.08
N LEU B 66 -13.88 -15.34 18.42
CA LEU B 66 -13.03 -16.03 19.39
C LEU B 66 -11.61 -16.28 18.91
N PRO B 67 -11.36 -16.86 17.72
CA PRO B 67 -9.95 -17.05 17.31
C PRO B 67 -9.21 -15.75 17.08
N PHE B 68 -9.90 -14.74 16.57
CA PHE B 68 -9.29 -13.42 16.39
C PHE B 68 -8.90 -12.81 17.73
N GLN B 69 -9.78 -12.95 18.73
CA GLN B 69 -9.45 -12.48 20.07
C GLN B 69 -8.27 -13.25 20.64
N ARG B 70 -8.20 -14.55 20.35
CA ARG B 70 -7.05 -15.33 20.83
C ARG B 70 -5.75 -14.82 20.22
N LEU B 71 -5.76 -14.52 18.92
CA LEU B 71 -4.57 -13.95 18.28
C LEU B 71 -4.22 -12.60 18.90
N MET B 72 -5.23 -11.77 19.18
CA MET B 72 -4.96 -10.49 19.83
C MET B 72 -4.31 -10.68 21.19
N ARG B 73 -4.83 -11.62 21.99
CA ARG B 73 -4.24 -11.88 23.29
C ARG B 73 -2.80 -12.36 23.17
N GLU B 74 -2.52 -13.19 22.17
CA GLU B 74 -1.13 -13.64 21.98
C GLU B 74 -0.21 -12.48 21.64
N ILE B 75 -0.65 -11.58 20.75
CA ILE B 75 0.18 -10.41 20.43
C ILE B 75 0.38 -9.53 21.67
N ALA B 76 -0.69 -9.32 22.43
CA ALA B 76 -0.60 -8.50 23.64
C ALA B 76 0.39 -9.10 24.63
N GLN B 77 0.36 -10.43 24.82
CA GLN B 77 1.32 -11.08 25.70
C GLN B 77 2.74 -10.96 25.18
N ASP B 78 2.91 -11.02 23.84
CA ASP B 78 4.22 -10.75 23.27
C ASP B 78 4.71 -9.34 23.56
N PHE B 79 3.79 -8.40 23.80
CA PHE B 79 4.19 -7.05 24.19
C PHE B 79 4.16 -6.82 25.69
N LYS B 80 3.09 -7.22 26.37
CA LYS B 80 2.98 -7.04 27.81
C LYS B 80 2.07 -8.12 28.38
N THR B 81 2.61 -8.94 29.29
CA THR B 81 1.83 -10.04 29.86
C THR B 81 0.61 -9.52 30.61
N ASP B 82 0.77 -8.43 31.36
CA ASP B 82 -0.35 -7.80 32.06
C ASP B 82 -1.03 -6.83 31.10
N LEU B 83 -1.95 -7.34 30.30
CA LEU B 83 -2.72 -6.51 29.38
C LEU B 83 -4.12 -7.10 29.22
N ARG B 84 -5.06 -6.23 28.89
CA ARG B 84 -6.47 -6.61 28.83
C ARG B 84 -7.15 -5.81 27.73
N PHE B 85 -8.28 -6.33 27.25
CA PHE B 85 -9.02 -5.66 26.19
C PHE B 85 -10.47 -5.40 26.60
N GLN B 86 -11.28 -4.93 25.65
CA GLN B 86 -12.69 -4.65 25.87
C GLN B 86 -13.47 -5.23 24.70
N SER B 87 -14.72 -5.60 24.97
CA SER B 87 -15.56 -6.19 23.93
C SER B 87 -15.70 -5.27 22.72
N SER B 88 -15.97 -3.98 22.98
CA SER B 88 -16.09 -3.01 21.90
C SER B 88 -14.78 -2.87 21.13
N ALA B 89 -13.65 -2.84 21.86
CA ALA B 89 -12.36 -2.76 21.19
C ALA B 89 -12.11 -3.99 20.32
N VAL B 90 -12.50 -5.16 20.80
CA VAL B 90 -12.33 -6.39 20.01
C VAL B 90 -13.12 -6.29 18.71
N MET B 91 -14.40 -5.87 18.82
CA MET B 91 -15.22 -5.77 17.62
C MET B 91 -14.67 -4.72 16.66
N ALA B 92 -14.18 -3.59 17.20
CA ALA B 92 -13.61 -2.55 16.36
C ALA B 92 -12.39 -3.05 15.60
N LEU B 93 -11.51 -3.80 16.28
CA LEU B 93 -10.37 -4.40 15.60
C LEU B 93 -10.83 -5.37 14.52
N GLN B 94 -11.91 -6.11 14.77
CA GLN B 94 -12.44 -7.01 13.76
C GLN B 94 -12.87 -6.25 12.51
N GLU B 95 -13.64 -5.17 12.68
CA GLU B 95 -14.07 -4.38 11.52
C GLU B 95 -12.88 -3.82 10.77
N ALA B 96 -11.89 -3.30 11.51
CA ALA B 96 -10.72 -2.72 10.86
C ALA B 96 -9.97 -3.77 10.03
N CYS B 97 -9.72 -4.94 10.63
CA CYS B 97 -8.98 -5.98 9.93
C CYS B 97 -9.75 -6.48 8.71
N GLU B 98 -11.07 -6.63 8.85
CA GLU B 98 -11.89 -7.09 7.73
C GLU B 98 -11.84 -6.11 6.57
N SER B 99 -12.06 -4.83 6.84
CA SER B 99 -12.02 -3.84 5.77
C SER B 99 -10.63 -3.79 5.13
N TYR B 100 -9.57 -3.86 5.95
CA TYR B 100 -8.21 -3.81 5.41
C TYR B 100 -7.96 -4.97 4.45
N LEU B 101 -8.34 -6.19 4.87
CA LEU B 101 -8.13 -7.36 4.02
C LEU B 101 -8.99 -7.31 2.76
N VAL B 102 -10.23 -6.83 2.88
CA VAL B 102 -11.08 -6.73 1.69
C VAL B 102 -10.49 -5.74 0.69
N GLY B 103 -9.98 -4.60 1.18
CA GLY B 103 -9.33 -3.66 0.28
C GLY B 103 -8.11 -4.26 -0.40
N LEU B 104 -7.31 -5.00 0.37
CA LEU B 104 -6.16 -5.69 -0.21
C LEU B 104 -6.60 -6.65 -1.32
N PHE B 105 -7.66 -7.41 -1.08
CA PHE B 105 -8.12 -8.36 -2.10
C PHE B 105 -8.71 -7.63 -3.29
N GLU B 106 -9.32 -6.46 -3.09
CA GLU B 106 -9.78 -5.65 -4.20
C GLU B 106 -8.62 -5.25 -5.09
N ASP B 107 -7.51 -4.84 -4.46
CA ASP B 107 -6.29 -4.56 -5.22
C ASP B 107 -5.79 -5.79 -5.95
N THR B 108 -5.83 -6.96 -5.29
CA THR B 108 -5.35 -8.18 -5.94
C THR B 108 -6.18 -8.48 -7.17
N ASN B 109 -7.50 -8.30 -7.08
CA ASN B 109 -8.36 -8.50 -8.24
C ASN B 109 -8.00 -7.53 -9.36
N LEU B 110 -7.72 -6.27 -9.01
CA LEU B 110 -7.26 -5.31 -10.00
C LEU B 110 -5.97 -5.78 -10.67
N CYS B 111 -5.05 -6.34 -9.88
CA CYS B 111 -3.81 -6.87 -10.45
C CYS B 111 -4.07 -8.03 -11.39
N VAL B 112 -4.95 -8.95 -10.99
CA VAL B 112 -5.13 -10.20 -11.72
C VAL B 112 -6.00 -10.02 -12.95
N ILE B 113 -6.85 -8.98 -12.98
CA ILE B 113 -7.63 -8.70 -14.18
C ILE B 113 -6.71 -8.28 -15.32
N HIS B 114 -5.64 -7.55 -15.01
CA HIS B 114 -4.72 -7.06 -16.03
C HIS B 114 -3.64 -8.06 -16.41
N ALA B 115 -3.53 -9.18 -15.68
CA ALA B 115 -2.58 -10.22 -16.01
C ALA B 115 -3.30 -11.41 -16.63
N LYS B 116 -2.61 -12.10 -17.54
CA LYS B 116 -3.16 -13.32 -18.11
C LYS B 116 -3.38 -14.38 -17.03
N ARG B 117 -2.72 -14.22 -15.89
CA ARG B 117 -3.02 -15.02 -14.71
C ARG B 117 -4.42 -14.72 -14.22
N VAL B 118 -5.13 -15.74 -13.74
CA VAL B 118 -6.47 -15.60 -13.21
C VAL B 118 -6.49 -15.81 -11.71
N THR B 119 -5.72 -16.77 -11.20
CA THR B 119 -5.57 -16.97 -9.77
C THR B 119 -4.73 -15.85 -9.18
N ILE B 120 -5.11 -15.39 -7.99
CA ILE B 120 -4.32 -14.36 -7.32
C ILE B 120 -3.20 -15.02 -6.54
N MET B 121 -2.04 -14.38 -6.51
CA MET B 121 -0.81 -14.89 -5.92
C MET B 121 -0.34 -13.98 -4.80
N PRO B 122 0.52 -14.48 -3.91
CA PRO B 122 1.04 -13.62 -2.83
C PRO B 122 1.68 -12.33 -3.34
N LYS B 123 2.26 -12.36 -4.54
CA LYS B 123 2.83 -11.15 -5.14
C LYS B 123 1.81 -10.02 -5.19
N ASP B 124 0.54 -10.35 -5.48
CA ASP B 124 -0.50 -9.33 -5.54
C ASP B 124 -0.75 -8.70 -4.17
N ILE B 125 -0.73 -9.51 -3.10
CA ILE B 125 -0.89 -8.98 -1.75
C ILE B 125 0.30 -8.12 -1.35
N GLN B 126 1.52 -8.55 -1.70
CA GLN B 126 2.69 -7.71 -1.44
C GLN B 126 2.58 -6.38 -2.18
N LEU B 127 2.14 -6.41 -3.44
CA LEU B 127 1.98 -5.16 -4.19
C LEU B 127 0.92 -4.26 -3.55
N ALA B 128 -0.20 -4.86 -3.13
CA ALA B 128 -1.24 -4.09 -2.43
C ALA B 128 -0.71 -3.45 -1.16
N ARG B 129 0.21 -4.13 -0.46
CA ARG B 129 0.79 -3.54 0.74
C ARG B 129 1.76 -2.41 0.41
N ARG B 130 2.58 -2.59 -0.63
CA ARG B 130 3.57 -1.58 -0.96
C ARG B 130 2.94 -0.29 -1.45
N ILE B 131 1.82 -0.39 -2.17
CA ILE B 131 1.17 0.82 -2.66
C ILE B 131 0.65 1.69 -1.52
N ARG B 132 0.36 1.09 -0.36
CA ARG B 132 -0.20 1.81 0.78
C ARG B 132 0.85 2.26 1.80
N GLY B 133 2.10 1.86 1.64
CA GLY B 133 3.15 2.30 2.54
C GLY B 133 3.39 1.42 3.75
N GLU B 134 2.89 0.18 3.75
CA GLU B 134 3.10 -0.71 4.88
C GLU B 134 4.40 -1.50 4.75
N ASP C 25 2.86 -19.74 19.37
CA ASP C 25 2.91 -20.94 18.55
C ASP C 25 2.44 -20.65 17.13
N ASN C 26 1.71 -21.60 16.53
CA ASN C 26 1.11 -21.44 15.22
C ASN C 26 -0.31 -20.89 15.29
N ILE C 27 -0.61 -20.09 16.31
CA ILE C 27 -1.96 -19.62 16.55
C ILE C 27 -2.39 -18.67 15.44
N GLN C 28 -3.57 -18.91 14.88
CA GLN C 28 -4.11 -18.09 13.79
C GLN C 28 -5.38 -17.38 14.26
N GLY C 29 -5.64 -16.23 13.67
CA GLY C 29 -6.81 -15.45 14.03
C GLY C 29 -7.90 -15.46 12.98
N ILE C 30 -7.59 -15.96 11.78
CA ILE C 30 -8.54 -16.02 10.68
C ILE C 30 -8.46 -17.40 10.05
N THR C 31 -9.62 -17.98 9.76
CA THR C 31 -9.71 -19.32 9.16
C THR C 31 -9.61 -19.27 7.64
N LYS C 32 -9.28 -20.41 7.05
CA LYS C 32 -9.24 -20.50 5.59
C LYS C 32 -10.58 -20.15 4.95
N PRO C 33 -11.73 -20.70 5.38
CA PRO C 33 -13.00 -20.25 4.77
C PRO C 33 -13.22 -18.77 4.88
N ALA C 34 -12.81 -18.16 6.01
CA ALA C 34 -12.94 -16.72 6.16
C ALA C 34 -12.08 -15.98 5.13
N ILE C 35 -10.87 -16.47 4.87
CA ILE C 35 -10.00 -15.84 3.88
C ILE C 35 -10.64 -15.95 2.49
N ARG C 36 -11.21 -17.11 2.18
CA ARG C 36 -11.89 -17.26 0.89
C ARG C 36 -13.07 -16.30 0.79
N ARG C 37 -13.84 -16.13 1.88
CA ARG C 37 -14.96 -15.19 1.86
C ARG C 37 -14.48 -13.75 1.65
N LEU C 38 -13.39 -13.37 2.34
CA LEU C 38 -12.87 -12.03 2.21
C LEU C 38 -12.40 -11.76 0.79
N ALA C 39 -11.70 -12.73 0.19
CA ALA C 39 -11.28 -12.54 -1.19
C ALA C 39 -12.46 -12.55 -2.15
N ARG C 40 -13.50 -13.33 -1.85
CA ARG C 40 -14.70 -13.28 -2.67
C ARG C 40 -15.32 -11.89 -2.62
N ARG C 41 -15.37 -11.28 -1.43
CA ARG C 41 -15.91 -9.92 -1.30
C ARG C 41 -15.09 -8.91 -2.08
N GLY C 42 -13.81 -9.20 -2.33
CA GLY C 42 -12.95 -8.35 -3.12
C GLY C 42 -13.01 -8.59 -4.61
N GLY C 43 -13.92 -9.46 -5.06
CA GLY C 43 -14.02 -9.78 -6.46
C GLY C 43 -13.05 -10.83 -6.95
N VAL C 44 -12.29 -11.46 -6.06
CA VAL C 44 -11.34 -12.49 -6.44
C VAL C 44 -12.11 -13.76 -6.82
N LYS C 45 -11.81 -14.29 -8.01
CA LYS C 45 -12.44 -15.53 -8.46
C LYS C 45 -11.70 -16.77 -7.98
N ARG C 46 -10.37 -16.80 -8.08
CA ARG C 46 -9.57 -17.96 -7.70
C ARG C 46 -8.39 -17.55 -6.82
N ILE C 47 -8.02 -18.44 -5.91
CA ILE C 47 -7.02 -18.18 -4.87
C ILE C 47 -5.95 -19.26 -4.91
N SER C 48 -4.69 -18.85 -4.91
CA SER C 48 -3.58 -19.78 -4.82
C SER C 48 -3.50 -20.35 -3.41
N GLY C 49 -3.01 -21.58 -3.29
CA GLY C 49 -2.86 -22.18 -1.97
C GLY C 49 -1.95 -21.37 -1.07
N LEU C 50 -1.00 -20.64 -1.65
CA LEU C 50 -0.08 -19.82 -0.89
C LEU C 50 -0.73 -18.55 -0.33
N ILE C 51 -1.94 -18.22 -0.76
CA ILE C 51 -2.62 -17.02 -0.29
C ILE C 51 -2.92 -17.13 1.21
N TYR C 52 -3.37 -18.32 1.65
CA TYR C 52 -3.75 -18.51 3.04
C TYR C 52 -2.63 -18.08 3.99
N GLU C 53 -1.41 -18.56 3.75
CA GLU C 53 -0.29 -18.12 4.58
C GLU C 53 -0.08 -16.62 4.43
N GLU C 54 -0.06 -16.13 3.19
CA GLU C 54 0.28 -14.73 2.95
C GLU C 54 -0.66 -13.79 3.68
N THR C 55 -1.97 -13.98 3.48
CA THR C 55 -2.95 -13.19 4.21
C THR C 55 -2.71 -13.31 5.70
N ARG C 56 -2.53 -14.54 6.19
CA ARG C 56 -2.34 -14.74 7.61
C ARG C 56 -1.13 -13.99 8.10
N GLY C 57 -0.09 -13.87 7.26
CA GLY C 57 1.05 -13.06 7.64
C GLY C 57 0.69 -11.59 7.74
N VAL C 58 0.06 -11.06 6.68
CA VAL C 58 -0.23 -9.63 6.62
C VAL C 58 -1.09 -9.22 7.79
N LEU C 59 -2.17 -9.98 8.03
CA LEU C 59 -3.04 -9.72 9.17
C LEU C 59 -2.24 -9.60 10.46
N LYS C 60 -1.34 -10.57 10.70
CA LYS C 60 -0.56 -10.53 11.92
C LYS C 60 0.17 -9.20 12.03
N VAL C 61 0.90 -8.83 10.98
CA VAL C 61 1.64 -7.57 10.99
C VAL C 61 0.68 -6.42 11.27
N PHE C 62 -0.45 -6.40 10.54
CA PHE C 62 -1.41 -5.32 10.73
C PHE C 62 -1.81 -5.22 12.19
N LEU C 63 -2.20 -6.34 12.80
CA LEU C 63 -2.62 -6.31 14.20
C LEU C 63 -1.48 -5.83 15.08
N GLU C 64 -0.27 -6.35 14.83
CA GLU C 64 0.88 -5.95 15.61
C GLU C 64 1.05 -4.43 15.58
N ASN C 65 0.84 -3.83 14.41
CA ASN C 65 1.03 -2.39 14.29
C ASN C 65 -0.07 -1.62 15.01
N VAL C 66 -1.31 -2.12 14.95
CA VAL C 66 -2.41 -1.38 15.58
C VAL C 66 -2.31 -1.53 17.09
N ILE C 67 -2.20 -2.77 17.57
CA ILE C 67 -2.19 -3.03 19.00
C ILE C 67 -1.06 -2.24 19.68
N ARG C 68 0.13 -2.24 19.08
CA ARG C 68 1.22 -1.39 19.57
C ARG C 68 0.72 0.03 19.84
N ASP C 69 0.23 0.70 18.80
CA ASP C 69 -0.19 2.09 18.97
C ASP C 69 -1.39 2.21 19.89
N ALA C 70 -2.15 1.12 20.09
CA ALA C 70 -3.22 1.16 21.08
C ALA C 70 -2.66 1.05 22.49
N VAL C 71 -1.63 0.22 22.69
CA VAL C 71 -1.09 0.02 24.04
C VAL C 71 -0.50 1.32 24.57
N THR C 72 0.15 2.09 23.69
CA THR C 72 0.65 3.40 24.10
C THR C 72 -0.48 4.30 24.57
N TYR C 73 -1.65 4.23 23.92
CA TYR C 73 -2.80 5.02 24.36
C TYR C 73 -3.40 4.50 25.66
N THR C 74 -2.98 3.33 26.13
CA THR C 74 -3.46 2.76 27.38
C THR C 74 -2.41 2.81 28.48
N GLU C 75 -1.17 2.39 28.18
CA GLU C 75 -0.12 2.37 29.20
C GLU C 75 0.35 3.78 29.54
N HIS C 76 0.55 4.64 28.54
CA HIS C 76 0.93 6.02 28.80
C HIS C 76 -0.22 6.85 29.36
N ALA C 77 -1.45 6.35 29.30
CA ALA C 77 -2.61 7.01 29.88
C ALA C 77 -3.04 6.39 31.20
N LYS C 78 -2.22 5.49 31.76
CA LYS C 78 -2.44 4.91 33.10
C LYS C 78 -3.79 4.17 33.19
N ARG C 79 -3.91 3.12 32.38
CA ARG C 79 -5.07 2.26 32.40
C ARG C 79 -4.66 0.84 32.07
N LYS C 80 -5.51 -0.12 32.44
CA LYS C 80 -5.27 -1.53 32.15
C LYS C 80 -6.28 -2.14 31.19
N THR C 81 -7.39 -1.44 30.92
CA THR C 81 -8.41 -1.91 30.00
C THR C 81 -8.38 -1.03 28.75
N VAL C 82 -8.21 -1.66 27.60
CA VAL C 82 -8.12 -0.95 26.33
C VAL C 82 -9.54 -0.71 25.81
N THR C 83 -9.99 0.54 25.89
CA THR C 83 -11.30 0.88 25.38
C THR C 83 -11.28 0.90 23.86
N ALA C 84 -12.47 1.03 23.26
CA ALA C 84 -12.58 1.07 21.81
C ALA C 84 -11.89 2.30 21.23
N MET C 85 -11.97 3.44 21.93
CA MET C 85 -11.44 4.69 21.37
C MET C 85 -9.92 4.67 21.25
N ASP C 86 -9.23 3.95 22.15
CA ASP C 86 -7.80 3.72 21.96
C ASP C 86 -7.53 3.12 20.59
N VAL C 87 -8.29 2.08 20.24
CA VAL C 87 -8.16 1.44 18.92
C VAL C 87 -8.54 2.40 17.81
N VAL C 88 -9.58 3.22 18.03
CA VAL C 88 -10.02 4.16 17.00
C VAL C 88 -8.90 5.13 16.64
N TYR C 89 -8.24 5.69 17.66
CA TYR C 89 -7.19 6.67 17.38
C TYR C 89 -5.91 6.00 16.89
N ALA C 90 -5.62 4.77 17.32
CA ALA C 90 -4.51 4.03 16.73
C ALA C 90 -4.74 3.78 15.24
N LEU C 91 -5.97 3.42 14.88
CA LEU C 91 -6.32 3.22 13.48
C LEU C 91 -6.18 4.51 12.67
N LYS C 92 -6.63 5.63 13.24
CA LYS C 92 -6.41 6.92 12.59
C LYS C 92 -4.92 7.18 12.40
N ARG C 93 -4.10 6.80 13.38
CA ARG C 93 -2.66 6.94 13.26
C ARG C 93 -2.09 6.12 12.12
N GLN C 94 -2.65 4.92 11.88
CA GLN C 94 -2.05 4.01 10.91
C GLN C 94 -1.97 4.61 9.50
N GLY C 95 -2.88 5.51 9.15
CA GLY C 95 -2.82 6.12 7.84
C GLY C 95 -3.92 5.67 6.90
N ARG C 96 -4.71 6.63 6.39
CA ARG C 96 -5.91 6.33 5.62
C ARG C 96 -5.61 6.31 4.13
N THR C 97 -6.08 5.26 3.45
CA THR C 97 -5.90 5.08 2.02
C THR C 97 -7.23 5.34 1.31
N LEU C 98 -7.24 6.34 0.44
CA LEU C 98 -8.40 6.65 -0.38
C LEU C 98 -8.13 6.22 -1.81
N TYR C 99 -9.19 6.24 -2.63
CA TYR C 99 -9.11 5.73 -3.99
C TYR C 99 -9.23 6.84 -5.05
N GLY C 100 -8.93 8.07 -4.67
CA GLY C 100 -9.02 9.16 -5.62
C GLY C 100 -8.67 10.47 -4.96
N PHE C 101 -9.14 11.57 -5.55
CA PHE C 101 -8.81 12.89 -5.05
C PHE C 101 -10.06 13.73 -4.79
#